data_4WX9
#
_entry.id   4WX9
#
_cell.length_a   43.481
_cell.length_b   102.905
_cell.length_c   137.093
_cell.angle_alpha   90.00
_cell.angle_beta   90.00
_cell.angle_gamma   90.00
#
_symmetry.space_group_name_H-M   'P 21 21 21'
#
loop_
_entity.id
_entity.type
_entity.pdbx_description
1 polymer "DNA (5'-D(*GP*CP*CP*AP*TP*GP*(E1X)P*CP*TP*AP*GP*TP*A)-3')"
2 polymer "DNA (5'-D(P*TP*AP*CP*TP*AP*GP*CP*CP*AP*TP*GP*GP*C)-3')"
3 polymer 'Methylated-DNA--protein-cysteine methyltransferase'
4 non-polymer GLYCEROL
5 water water
#
loop_
_entity_poly.entity_id
_entity_poly.type
_entity_poly.pdbx_seq_one_letter_code
_entity_poly.pdbx_strand_id
1 'polydeoxyribonucleotide' (DG)(DC)(DC)(DA)(DT)(DG)(E1X)(DC)(DT)(DA)(DG)(DT)(DA) D
2 'polydeoxyribonucleotide' (DT)(DA)(DC)(DT)(DA)(DG)(DC)(DC)(DA)(DT)(DG)(DG)(DC) E
3 'polypeptide(L)'
;MVHYRTIDSPIGPLTLAGHGSVLTNLRMLEQTYEPSRTHWTPDPGAFSGAVDQLNAYFAGELTEFDVELDLRGTDFQQRV
WKALLTIPYGETRSYGEIADQIGAPGAARAVGLANGHNPIAIIVPCHRVIGASGKLTGYGGGINRKRALLELEKSRAPAD
LTLFD
;
A,B,C
#
loop_
_chem_comp.id
_chem_comp.type
_chem_comp.name
_chem_comp.formula
DA DNA linking 2'-DEOXYADENOSINE-5'-MONOPHOSPHATE 'C10 H14 N5 O6 P'
DC DNA linking 2'-DEOXYCYTIDINE-5'-MONOPHOSPHATE 'C9 H14 N3 O7 P'
DG DNA linking 2'-DEOXYGUANOSINE-5'-MONOPHOSPHATE 'C10 H14 N5 O7 P'
DT DNA linking THYMIDINE-5'-MONOPHOSPHATE 'C10 H15 N2 O8 P'
E1X DNA linking 'PHOSPHORIC ACID MONO-[5-(1-ETHYL-2,6-DIOXO-1,2,3,6-TETRAHYDRO-PURIN-9-YL)-3-HYDROXY-TETRAHYDRO-FURAN-2-YLMETHYL]ESTER' 'C12 H17 N4 O8 P'
GOL non-polymer GLYCEROL 'C3 H8 O3'
#
# COMPACT_ATOMS: atom_id res chain seq x y z
P E1X A 7 -6.14 20.94 -23.11
OP1 E1X A 7 -6.36 20.03 -21.92
OP2 E1X A 7 -7.04 22.13 -23.34
O5' E1X A 7 -4.62 21.46 -23.08
N9 E1X A 7 -2.29 21.09 -20.47
C4 E1X A 7 -1.80 20.97 -19.23
N3 E1X A 7 -0.62 20.55 -18.74
C2 E1X A 7 -0.37 20.51 -17.42
O2 E1X A 7 0.75 20.10 -17.04
N1 E1X A 7 -1.32 20.92 -16.45
C10 E1X A 7 -0.98 20.86 -15.03
C11 E1X A 7 -0.94 19.42 -14.58
O6 E1X A 7 -3.44 21.75 -16.03
C6 E1X A 7 -2.58 21.38 -16.86
C5 E1X A 7 -2.86 21.41 -18.32
N7 E1X A 7 -3.91 21.77 -19.09
C8 E1X A 7 -3.55 21.57 -20.38
C2' E1X A 7 -2.03 19.39 -22.08
C5' E1X A 7 -3.82 21.26 -24.24
C4' E1X A 7 -2.37 21.02 -23.86
O4' E1X A 7 -2.04 21.72 -22.66
C1' E1X A 7 -1.61 20.78 -21.67
C3' E1X A 7 -2.07 19.56 -23.57
O3' E1X A 7 -0.74 19.39 -24.05
N VAL C 2 -15.43 15.98 4.16
CA VAL C 2 -14.14 16.66 3.81
C VAL C 2 -14.17 18.16 4.08
N HIS C 3 -13.04 18.68 4.55
CA HIS C 3 -12.96 20.03 5.06
C HIS C 3 -11.83 20.72 4.32
N TYR C 4 -11.97 22.03 4.17
CA TYR C 4 -11.14 22.79 3.24
C TYR C 4 -10.66 24.13 3.77
N ARG C 5 -9.60 24.63 3.16
CA ARG C 5 -9.00 25.89 3.59
C ARG C 5 -8.29 26.63 2.47
N THR C 6 -8.57 27.92 2.41
CA THR C 6 -7.99 28.77 1.40
C THR C 6 -6.89 29.58 2.05
N ILE C 7 -5.77 29.71 1.35
CA ILE C 7 -4.67 30.53 1.81
C ILE C 7 -4.10 31.32 0.66
N ASP C 8 -3.19 32.22 1.00
CA ASP C 8 -2.51 33.01 0.01
C ASP C 8 -1.19 32.43 -0.47
N SER C 9 -0.76 32.96 -1.61
CA SER C 9 0.52 32.65 -2.18
C SER C 9 0.83 33.76 -3.17
N PRO C 10 2.07 33.86 -3.62
CA PRO C 10 2.43 34.74 -4.72
C PRO C 10 1.49 34.71 -5.94
N ILE C 11 0.84 33.55 -6.18
CA ILE C 11 0.01 33.38 -7.36
C ILE C 11 -1.45 33.36 -6.98
N GLY C 12 -1.76 33.94 -5.84
CA GLY C 12 -3.14 34.10 -5.46
C GLY C 12 -3.67 32.84 -4.86
N PRO C 13 -4.84 32.94 -4.22
CA PRO C 13 -5.48 31.96 -3.36
C PRO C 13 -5.29 30.50 -3.75
N LEU C 14 -4.76 29.74 -2.81
CA LEU C 14 -4.74 28.30 -2.92
C LEU C 14 -5.73 27.70 -1.95
N THR C 15 -6.58 26.82 -2.47
CA THR C 15 -7.55 26.12 -1.71
C THR C 15 -7.04 24.72 -1.54
N LEU C 16 -6.84 24.31 -0.29
CA LEU C 16 -6.47 22.93 0.00
C LEU C 16 -7.70 22.21 0.50
N ALA C 17 -7.84 20.93 0.16
CA ALA C 17 -8.99 20.16 0.63
C ALA C 17 -8.66 18.73 0.81
N GLY C 18 -9.41 18.10 1.69
CA GLY C 18 -9.21 16.68 1.96
C GLY C 18 -9.90 16.34 3.26
N HIS C 19 -9.46 15.25 3.87
CA HIS C 19 -10.12 14.70 5.04
C HIS C 19 -9.09 14.32 6.10
N GLY C 20 -9.39 14.65 7.35
CA GLY C 20 -8.38 14.65 8.40
C GLY C 20 -7.19 15.45 7.94
N SER C 21 -6.02 14.80 7.95
CA SER C 21 -4.77 15.43 7.52
C SER C 21 -4.29 14.93 6.14
N VAL C 22 -5.16 14.26 5.41
CA VAL C 22 -4.78 13.67 4.15
C VAL C 22 -5.36 14.52 3.05
N LEU C 23 -4.52 14.81 2.06
CA LEU C 23 -4.84 15.83 1.10
C LEU C 23 -5.36 15.19 -0.18
N THR C 24 -6.53 15.63 -0.62
CA THR C 24 -7.15 15.10 -1.82
C THR C 24 -7.02 16.06 -2.93
N ASN C 25 -7.19 17.35 -2.64
CA ASN C 25 -7.11 18.43 -3.63
C ASN C 25 -6.27 19.62 -3.20
N LEU C 26 -5.77 20.31 -4.21
CA LEU C 26 -5.11 21.59 -4.05
C LEU C 26 -5.32 22.31 -5.36
N ARG C 27 -6.05 23.42 -5.31
CA ARG C 27 -6.55 24.06 -6.50
C ARG C 27 -6.24 25.54 -6.38
N MET C 28 -5.68 26.13 -7.44
CA MET C 28 -5.41 27.56 -7.46
C MET C 28 -6.53 28.27 -8.19
N LEU C 29 -6.44 29.58 -8.29
CA LEU C 29 -7.58 30.35 -8.71
C LEU C 29 -7.90 30.17 -10.19
N GLU C 30 -9.20 30.06 -10.51
CA GLU C 30 -9.67 30.02 -11.90
C GLU C 30 -9.05 28.86 -12.72
N GLN C 31 -9.01 27.67 -12.11
CA GLN C 31 -8.36 26.48 -12.67
C GLN C 31 -9.35 25.56 -13.37
N THR C 32 -8.82 24.57 -14.09
CA THR C 32 -9.59 23.52 -14.75
C THR C 32 -9.64 22.20 -13.94
N SER C 36 -16.76 21.80 -8.39
CA SER C 36 -17.51 20.72 -7.76
C SER C 36 -17.01 20.46 -6.37
N ARG C 37 -17.42 21.31 -5.43
CA ARG C 37 -16.94 21.26 -4.05
C ARG C 37 -18.06 20.96 -3.08
N THR C 38 -18.80 19.88 -3.34
CA THR C 38 -19.98 19.51 -2.55
C THR C 38 -19.63 18.74 -1.30
N HIS C 39 -20.29 19.11 -0.21
CA HIS C 39 -20.09 18.54 1.11
C HIS C 39 -18.82 19.05 1.78
N TRP C 40 -18.20 20.05 1.18
CA TRP C 40 -16.97 20.63 1.69
C TRP C 40 -17.31 21.59 2.83
N THR C 41 -16.55 21.52 3.93
CA THR C 41 -16.75 22.39 5.10
C THR C 41 -15.49 23.21 5.42
N PRO C 42 -15.60 24.54 5.42
CA PRO C 42 -14.40 25.32 5.61
C PRO C 42 -13.90 25.19 7.02
N ASP C 43 -12.59 24.97 7.18
CA ASP C 43 -11.97 24.74 8.49
C ASP C 43 -10.56 25.36 8.43
N PRO C 44 -10.46 26.66 8.78
CA PRO C 44 -9.21 27.42 8.62
C PRO C 44 -8.03 26.93 9.45
N GLY C 45 -8.21 25.89 10.26
CA GLY C 45 -7.12 25.36 11.07
C GLY C 45 -6.46 24.12 10.49
N ALA C 46 -6.94 23.70 9.32
CA ALA C 46 -6.53 22.41 8.75
C ALA C 46 -5.29 22.46 7.85
N PHE C 47 -4.67 21.29 7.73
CA PHE C 47 -3.55 21.08 6.83
C PHE C 47 -2.38 21.99 7.08
N SER C 48 -2.16 22.40 8.34
CA SER C 48 -1.15 23.44 8.63
C SER C 48 0.26 22.96 8.33
N GLY C 49 0.47 21.65 8.44
CA GLY C 49 1.69 21.00 7.98
C GLY C 49 1.92 21.30 6.51
N ALA C 50 0.92 20.98 5.69
CA ALA C 50 0.95 21.34 4.28
C ALA C 50 1.17 22.82 4.07
N VAL C 51 0.43 23.66 4.78
CA VAL C 51 0.50 25.11 4.51
C VAL C 51 1.88 25.66 4.80
N ASP C 52 2.43 25.32 5.96
CA ASP C 52 3.83 25.62 6.24
C ASP C 52 4.71 25.35 5.02
N GLN C 53 4.71 24.10 4.58
CA GLN C 53 5.54 23.67 3.47
C GLN C 53 5.29 24.53 2.24
N LEU C 54 4.04 24.90 1.99
CA LEU C 54 3.74 25.67 0.80
C LEU C 54 4.32 27.07 0.83
N ASN C 55 4.63 27.56 2.02
CA ASN C 55 5.27 28.87 2.14
C ASN C 55 6.74 28.72 1.97
N ALA C 56 7.25 27.70 2.61
CA ALA C 56 8.64 27.38 2.44
C ALA C 56 8.94 27.26 0.94
N TYR C 57 8.07 26.55 0.22
CA TYR C 57 8.25 26.32 -1.23
C TYR C 57 8.41 27.61 -1.99
N PHE C 58 7.47 28.51 -1.73
CA PHE C 58 7.46 29.80 -2.37
C PHE C 58 8.58 30.71 -1.89
N ALA C 59 9.06 30.52 -0.67
CA ALA C 59 10.22 31.26 -0.20
C ALA C 59 11.49 30.78 -0.92
N GLY C 60 11.45 29.55 -1.45
CA GLY C 60 12.54 28.96 -2.23
C GLY C 60 13.46 28.17 -1.32
N GLU C 61 12.88 27.56 -0.31
CA GLU C 61 13.64 26.88 0.71
C GLU C 61 13.28 25.40 0.74
N LEU C 62 11.98 25.14 0.72
CA LEU C 62 11.49 23.78 0.60
C LEU C 62 11.61 23.30 -0.82
N THR C 63 12.12 22.07 -0.97
CA THR C 63 12.31 21.44 -2.28
C THR C 63 11.87 19.96 -2.33
N GLU C 64 11.23 19.46 -1.25
CA GLU C 64 10.79 18.06 -1.08
C GLU C 64 9.63 18.05 -0.12
N PHE C 65 8.42 17.90 -0.63
CA PHE C 65 7.24 17.91 0.24
C PHE C 65 7.14 16.65 1.10
N ASP C 66 6.45 16.79 2.21
CA ASP C 66 6.31 15.75 3.20
C ASP C 66 4.85 15.81 3.58
N VAL C 67 3.95 15.35 2.72
CA VAL C 67 2.50 15.31 3.07
C VAL C 67 1.88 13.98 2.69
N GLU C 68 0.70 13.69 3.23
CA GLU C 68 0.02 12.45 2.93
C GLU C 68 -0.96 12.78 1.82
N LEU C 69 -1.02 11.97 0.75
CA LEU C 69 -1.92 12.28 -0.40
C LEU C 69 -3.04 11.27 -0.59
N ASP C 70 -4.13 11.68 -1.22
CA ASP C 70 -5.19 10.76 -1.58
C ASP C 70 -5.57 11.02 -3.02
N LEU C 71 -5.04 10.22 -3.91
CA LEU C 71 -5.15 10.53 -5.31
C LEU C 71 -6.14 9.67 -6.01
N ARG C 72 -7.38 10.11 -5.98
CA ARG C 72 -8.48 9.39 -6.61
C ARG C 72 -8.49 9.74 -8.10
N GLY C 73 -8.54 8.70 -8.94
CA GLY C 73 -8.57 8.88 -10.38
C GLY C 73 -8.38 7.57 -11.13
N THR C 74 -8.60 7.61 -12.43
CA THR C 74 -8.50 6.41 -13.25
C THR C 74 -7.12 5.78 -13.18
N ASP C 75 -7.06 4.51 -13.57
CA ASP C 75 -5.82 3.74 -13.53
C ASP C 75 -4.72 4.47 -14.25
N PHE C 76 -5.02 4.91 -15.45
CA PHE C 76 -4.01 5.57 -16.27
C PHE C 76 -3.61 6.92 -15.66
N GLN C 77 -4.52 7.58 -14.96
CA GLN C 77 -4.17 8.84 -14.30
C GLN C 77 -3.24 8.62 -13.12
N GLN C 78 -3.60 7.71 -12.21
CA GLN C 78 -2.72 7.31 -11.12
C GLN C 78 -1.29 7.19 -11.64
N ARG C 79 -1.14 6.38 -12.67
CA ARG C 79 0.16 5.93 -13.13
C ARG C 79 0.97 7.11 -13.60
N VAL C 80 0.27 8.05 -14.22
CA VAL C 80 0.86 9.29 -14.69
C VAL C 80 1.29 10.13 -13.51
N TRP C 81 0.34 10.40 -12.63
CA TRP C 81 0.55 11.29 -11.51
C TRP C 81 1.69 10.76 -10.64
N LYS C 82 1.61 9.47 -10.33
CA LYS C 82 2.67 8.81 -9.62
C LYS C 82 3.99 9.11 -10.31
N ALA C 83 3.99 9.11 -11.64
CA ALA C 83 5.20 9.40 -12.38
C ALA C 83 5.61 10.84 -12.24
N LEU C 84 4.64 11.75 -12.19
CA LEU C 84 4.95 13.15 -11.90
C LEU C 84 5.81 13.24 -10.63
N LEU C 85 5.44 12.48 -9.60
CA LEU C 85 6.14 12.55 -8.31
C LEU C 85 7.59 12.20 -8.34
N THR C 86 8.05 11.58 -9.40
CA THR C 86 9.44 11.20 -9.50
C THR C 86 10.29 12.28 -10.12
N ILE C 87 9.66 13.36 -10.60
CA ILE C 87 10.41 14.43 -11.27
C ILE C 87 11.04 15.34 -10.21
N PRO C 88 12.37 15.48 -10.19
CA PRO C 88 12.90 16.21 -9.05
C PRO C 88 12.65 17.71 -9.16
N TYR C 89 12.80 18.39 -8.04
CA TYR C 89 12.62 19.84 -7.97
C TYR C 89 13.58 20.53 -8.92
N GLY C 90 13.06 21.40 -9.77
CA GLY C 90 13.87 22.14 -10.71
C GLY C 90 14.42 21.31 -11.85
N GLU C 91 13.75 20.22 -12.16
CA GLU C 91 14.01 19.53 -13.40
C GLU C 91 12.70 19.51 -14.13
N THR C 92 12.70 18.93 -15.31
CA THR C 92 11.52 18.87 -16.14
C THR C 92 11.58 17.68 -17.08
N ARG C 93 10.42 17.20 -17.48
CA ARG C 93 10.37 16.11 -18.45
C ARG C 93 9.34 16.48 -19.51
N SER C 94 9.47 15.83 -20.66
CA SER C 94 8.51 16.00 -21.74
C SER C 94 7.29 15.10 -21.53
N TYR C 95 6.17 15.51 -22.12
CA TYR C 95 4.98 14.69 -22.11
C TYR C 95 5.33 13.31 -22.70
N GLY C 96 6.19 13.31 -23.71
CA GLY C 96 6.75 12.08 -24.26
C GLY C 96 7.48 11.25 -23.22
N GLU C 97 8.51 11.84 -22.61
CA GLU C 97 9.30 11.13 -21.59
C GLU C 97 8.42 10.44 -20.55
N ILE C 98 7.35 11.10 -20.11
CA ILE C 98 6.45 10.51 -19.12
C ILE C 98 5.75 9.29 -19.70
N ALA C 99 5.16 9.48 -20.87
CA ALA C 99 4.54 8.42 -21.62
C ALA C 99 5.43 7.20 -21.62
N ASP C 100 6.68 7.40 -22.00
CA ASP C 100 7.63 6.30 -22.04
C ASP C 100 7.76 5.70 -20.65
N GLN C 101 8.16 6.55 -19.71
CA GLN C 101 8.40 6.16 -18.31
C GLN C 101 7.31 5.28 -17.69
N ILE C 102 6.04 5.55 -17.98
CA ILE C 102 4.94 4.70 -17.48
C ILE C 102 4.63 3.51 -18.40
N GLY C 103 5.57 3.18 -19.30
CA GLY C 103 5.41 2.05 -20.19
C GLY C 103 4.17 2.08 -21.06
N ALA C 104 3.70 3.28 -21.40
CA ALA C 104 2.66 3.43 -22.42
C ALA C 104 3.17 4.44 -23.43
N PRO C 105 4.18 4.03 -24.23
CA PRO C 105 4.81 4.91 -25.19
C PRO C 105 3.84 5.34 -26.27
N GLY C 106 4.06 6.53 -26.80
CA GLY C 106 3.18 7.09 -27.81
C GLY C 106 1.79 7.42 -27.30
N ALA C 107 1.67 7.71 -26.00
CA ALA C 107 0.40 8.15 -25.43
C ALA C 107 0.44 9.64 -25.03
N ALA C 108 1.56 10.29 -25.29
CA ALA C 108 1.91 11.54 -24.63
C ALA C 108 0.83 12.60 -24.64
N ARG C 109 -0.07 12.55 -25.61
CA ARG C 109 -1.11 13.53 -25.67
C ARG C 109 -2.08 13.28 -24.57
N ALA C 110 -2.35 12.00 -24.40
CA ALA C 110 -3.16 11.51 -23.29
C ALA C 110 -2.53 11.91 -21.98
N VAL C 111 -1.20 11.82 -21.88
CA VAL C 111 -0.51 12.28 -20.67
C VAL C 111 -0.92 13.74 -20.43
N GLY C 112 -0.83 14.57 -21.46
CA GLY C 112 -1.43 15.91 -21.44
C GLY C 112 -2.73 16.06 -20.68
N LEU C 113 -3.68 15.16 -20.90
CA LEU C 113 -5.00 15.34 -20.32
C LEU C 113 -5.08 14.84 -18.88
N ALA C 114 -4.33 13.78 -18.60
CA ALA C 114 -4.21 13.21 -17.27
C ALA C 114 -3.56 14.24 -16.44
N ASN C 115 -2.49 14.78 -17.01
CA ASN C 115 -1.83 15.92 -16.48
C ASN C 115 -2.82 17.07 -16.23
N GLY C 116 -3.66 17.40 -17.20
CA GLY C 116 -4.74 18.33 -16.97
C GLY C 116 -5.52 18.03 -15.70
N HIS C 117 -5.91 16.77 -15.51
CA HIS C 117 -6.78 16.38 -14.39
C HIS C 117 -6.10 16.19 -13.04
N ASN C 118 -4.88 16.67 -12.88
CA ASN C 118 -4.22 16.61 -11.59
C ASN C 118 -5.09 17.23 -10.54
N PRO C 119 -5.46 16.46 -9.51
CA PRO C 119 -6.39 17.07 -8.56
C PRO C 119 -5.65 17.92 -7.53
N ILE C 120 -4.33 17.74 -7.46
CA ILE C 120 -3.49 18.37 -6.43
C ILE C 120 -2.28 19.10 -7.02
N ALA C 121 -2.46 20.39 -7.27
CA ALA C 121 -1.43 21.19 -7.94
C ALA C 121 -0.16 21.35 -7.13
N ILE C 122 0.93 21.66 -7.81
CA ILE C 122 2.19 22.04 -7.16
C ILE C 122 2.85 20.86 -6.46
N ILE C 123 2.20 20.29 -5.45
CA ILE C 123 2.81 19.17 -4.76
C ILE C 123 2.96 17.99 -5.71
N VAL C 124 2.01 17.85 -6.64
CA VAL C 124 2.17 16.92 -7.72
C VAL C 124 2.70 17.77 -8.84
N PRO C 125 3.98 17.61 -9.16
CA PRO C 125 4.66 18.60 -9.97
C PRO C 125 4.29 18.51 -11.44
N CYS C 126 3.02 18.72 -11.70
CA CYS C 126 2.48 18.58 -13.05
C CYS C 126 2.90 19.74 -13.93
N HIS C 127 3.26 20.84 -13.30
CA HIS C 127 3.70 22.02 -14.01
C HIS C 127 5.11 21.89 -14.56
N ARG C 128 5.86 20.92 -14.05
CA ARG C 128 7.21 20.64 -14.57
C ARG C 128 7.27 19.77 -15.81
N VAL C 129 6.11 19.30 -16.26
CA VAL C 129 6.05 18.65 -17.56
C VAL C 129 5.88 19.64 -18.70
N ILE C 130 6.69 19.49 -19.75
CA ILE C 130 6.73 20.42 -20.87
C ILE C 130 6.84 19.74 -22.26
N GLY C 131 6.69 20.52 -23.33
CA GLY C 131 6.85 19.99 -24.69
C GLY C 131 8.29 19.60 -25.00
N ALA C 132 8.47 18.60 -25.87
CA ALA C 132 9.81 18.12 -26.25
C ALA C 132 10.59 19.23 -26.89
N SER C 133 9.87 20.21 -27.43
CA SER C 133 10.45 21.46 -27.92
C SER C 133 10.82 22.43 -26.79
N GLY C 134 10.69 22.00 -25.53
CA GLY C 134 10.84 22.90 -24.42
C GLY C 134 9.68 23.88 -24.25
N LYS C 135 8.63 23.76 -25.07
CA LYS C 135 7.49 24.68 -24.99
C LYS C 135 6.62 24.38 -23.77
N LEU C 136 5.99 25.40 -23.22
CA LEU C 136 5.19 25.21 -22.02
C LEU C 136 3.88 24.50 -22.31
N THR C 137 3.25 24.84 -23.43
CA THR C 137 2.07 24.14 -23.99
C THR C 137 0.77 24.15 -23.16
N GLY C 138 0.78 24.71 -21.95
CA GLY C 138 -0.45 24.88 -21.19
C GLY C 138 -0.37 24.34 -19.78
N TYR C 139 -1.14 24.99 -18.90
CA TYR C 139 -1.21 24.67 -17.48
C TYR C 139 -2.60 25.04 -17.00
N GLY C 140 -3.06 24.38 -15.93
CA GLY C 140 -4.44 24.51 -15.44
C GLY C 140 -4.81 25.92 -15.00
N GLY C 141 -3.94 26.52 -14.20
CA GLY C 141 -4.14 27.88 -13.73
C GLY C 141 -3.42 28.90 -14.57
N GLY C 142 -3.19 28.58 -15.84
CA GLY C 142 -2.62 29.52 -16.80
C GLY C 142 -1.18 29.21 -17.11
N ILE C 143 -0.67 29.76 -18.20
CA ILE C 143 0.69 29.45 -18.64
C ILE C 143 1.66 30.31 -17.85
N ASN C 144 1.28 31.54 -17.60
CA ASN C 144 2.13 32.48 -16.87
C ASN C 144 2.45 31.99 -15.46
N ARG C 145 1.51 31.33 -14.79
CA ARG C 145 1.86 30.73 -13.50
C ARG C 145 2.87 29.62 -13.73
N LYS C 146 2.58 28.70 -14.63
CA LYS C 146 3.55 27.65 -14.93
C LYS C 146 4.96 28.23 -15.03
N ARG C 147 5.11 29.28 -15.83
CA ARG C 147 6.44 29.87 -16.07
C ARG C 147 6.99 30.32 -14.76
N ALA C 148 6.17 30.96 -13.95
CA ALA C 148 6.62 31.41 -12.66
C ALA C 148 7.14 30.30 -11.76
N LEU C 149 6.40 29.22 -11.64
CA LEU C 149 6.81 28.17 -10.75
C LEU C 149 8.13 27.57 -11.22
N LEU C 150 8.27 27.41 -12.53
CA LEU C 150 9.47 26.80 -13.08
C LEU C 150 10.66 27.68 -12.86
N GLU C 151 10.48 28.98 -13.08
CA GLU C 151 11.52 29.96 -12.86
C GLU C 151 11.96 30.00 -11.41
N LEU C 152 10.99 29.84 -10.51
CA LEU C 152 11.24 29.79 -9.08
C LEU C 152 12.19 28.65 -8.73
N GLU C 153 11.85 27.45 -9.19
CA GLU C 153 12.61 26.23 -8.88
C GLU C 153 13.99 26.25 -9.53
N LYS C 154 14.11 27.01 -10.61
CA LYS C 154 15.41 27.20 -11.22
C LYS C 154 16.28 28.04 -10.31
N SER C 155 15.73 29.16 -9.83
CA SER C 155 16.47 30.17 -9.06
C SER C 155 16.54 29.96 -7.55
N ARG C 156 15.79 28.99 -7.03
CA ARG C 156 15.64 28.76 -5.57
C ARG C 156 15.35 30.04 -4.81
N ALA C 157 14.67 30.95 -5.49
CA ALA C 157 14.44 32.27 -4.96
C ALA C 157 13.14 32.74 -5.58
N PRO C 158 12.40 33.59 -4.87
CA PRO C 158 11.13 34.12 -5.39
C PRO C 158 11.15 34.70 -6.81
N ALA C 159 10.21 34.22 -7.62
CA ALA C 159 9.94 34.73 -8.94
C ALA C 159 8.50 35.19 -9.00
N ASP C 160 8.01 35.73 -7.88
CA ASP C 160 6.83 36.58 -7.85
C ASP C 160 6.76 37.43 -9.14
N LEU C 161 7.88 38.05 -9.47
CA LEU C 161 8.01 38.91 -10.64
C LEU C 161 7.69 38.27 -12.00
N THR C 162 7.96 36.98 -12.16
CA THR C 162 7.84 36.29 -13.46
C THR C 162 6.42 36.19 -13.98
N LEU C 163 5.44 36.41 -13.13
CA LEU C 163 4.05 36.40 -13.53
C LEU C 163 3.70 37.43 -14.61
N PHE C 164 4.60 38.38 -14.87
CA PHE C 164 4.32 39.47 -15.80
C PHE C 164 5.46 39.67 -16.79
N ASP C 165 6.01 38.57 -17.30
CA ASP C 165 7.02 38.65 -18.35
C ASP C 165 6.37 39.12 -19.65
N VAL D 2 21.49 -5.22 -13.16
CA VAL D 2 20.24 -6.07 -13.05
C VAL D 2 20.12 -6.88 -11.75
N HIS D 3 19.04 -6.63 -11.02
CA HIS D 3 18.86 -7.14 -9.67
C HIS D 3 17.89 -8.28 -9.65
N TYR D 4 18.09 -9.22 -8.72
CA TYR D 4 17.28 -10.45 -8.65
C TYR D 4 16.96 -10.87 -7.23
N ARG D 5 15.78 -11.48 -7.08
CA ARG D 5 15.26 -11.89 -5.78
C ARG D 5 14.36 -13.12 -5.80
N THR D 6 14.65 -14.07 -4.92
CA THR D 6 13.96 -15.34 -4.87
C THR D 6 13.06 -15.37 -3.65
N ILE D 7 11.77 -15.51 -3.86
CA ILE D 7 10.83 -15.66 -2.77
C ILE D 7 10.23 -17.03 -2.82
N ASP D 8 9.68 -17.47 -1.69
CA ASP D 8 9.03 -18.77 -1.61
C ASP D 8 7.63 -18.69 -2.13
N SER D 9 7.07 -19.85 -2.46
CA SER D 9 5.71 -19.95 -2.97
C SER D 9 5.15 -21.36 -2.80
N PRO D 10 3.83 -21.52 -2.93
CA PRO D 10 3.26 -22.85 -2.80
C PRO D 10 3.69 -23.81 -3.89
N ILE D 11 4.20 -23.27 -4.99
CA ILE D 11 4.71 -24.11 -6.07
C ILE D 11 6.22 -24.09 -6.14
N GLY D 12 6.83 -23.55 -5.09
CA GLY D 12 8.28 -23.52 -5.00
C GLY D 12 8.81 -22.14 -5.25
N PRO D 13 10.13 -21.97 -5.11
CA PRO D 13 10.80 -20.68 -5.19
C PRO D 13 10.63 -20.01 -6.54
N LEU D 14 10.16 -18.78 -6.48
CA LEU D 14 10.05 -17.94 -7.65
C LEU D 14 11.20 -16.94 -7.63
N THR D 15 11.86 -16.76 -8.77
CA THR D 15 12.96 -15.80 -8.87
C THR D 15 12.62 -14.64 -9.78
N LEU D 16 12.42 -13.47 -9.19
CA LEU D 16 12.10 -12.25 -9.92
C LEU D 16 13.35 -11.51 -10.31
N ALA D 17 13.32 -10.84 -11.46
CA ALA D 17 14.46 -10.06 -11.89
C ALA D 17 14.09 -8.89 -12.78
N GLY D 18 14.88 -7.82 -12.70
CA GLY D 18 14.62 -6.63 -13.50
C GLY D 18 15.55 -5.47 -13.19
N HIS D 19 15.13 -4.27 -13.61
CA HIS D 19 15.89 -3.06 -13.33
C HIS D 19 15.08 -2.14 -12.43
N GLY D 20 15.62 -1.84 -11.25
CA GLY D 20 14.99 -0.95 -10.29
C GLY D 20 13.66 -1.49 -9.80
N SER D 21 12.57 -1.03 -10.39
CA SER D 21 11.22 -1.45 -9.98
C SER D 21 10.49 -2.23 -11.08
N VAL D 22 11.21 -2.55 -12.15
CA VAL D 22 10.62 -3.10 -13.36
C VAL D 22 11.08 -4.54 -13.61
N LEU D 23 10.13 -5.46 -13.66
CA LEU D 23 10.46 -6.87 -13.87
C LEU D 23 10.84 -7.21 -15.31
N THR D 24 11.97 -7.89 -15.47
CA THR D 24 12.37 -8.44 -16.75
C THR D 24 12.10 -9.91 -16.78
N ASN D 25 12.23 -10.54 -15.62
CA ASN D 25 12.07 -11.96 -15.52
C ASN D 25 11.25 -12.41 -14.31
N LEU D 26 10.55 -13.52 -14.49
CA LEU D 26 9.98 -14.24 -13.40
C LEU D 26 9.89 -15.71 -13.79
N ARG D 27 10.73 -16.52 -13.16
CA ARG D 27 10.94 -17.92 -13.50
C ARG D 27 10.77 -18.83 -12.29
N MET D 28 10.75 -20.14 -12.53
CA MET D 28 10.61 -21.14 -11.49
C MET D 28 11.84 -21.99 -11.42
N LEU D 29 11.89 -22.85 -10.41
CA LEU D 29 12.91 -23.87 -10.33
C LEU D 29 12.64 -24.96 -11.34
N GLU D 30 13.67 -25.27 -12.13
CA GLU D 30 13.59 -26.29 -13.16
C GLU D 30 12.42 -26.02 -14.11
N GLN D 31 12.61 -25.02 -14.95
CA GLN D 31 11.74 -24.85 -16.10
C GLN D 31 12.64 -24.64 -17.30
N THR D 32 12.20 -25.13 -18.45
CA THR D 32 13.07 -25.15 -19.62
C THR D 32 13.34 -23.73 -20.09
N TYR D 33 14.40 -23.57 -20.87
CA TYR D 33 14.86 -22.27 -21.38
C TYR D 33 15.24 -21.28 -20.29
N GLU D 34 16.25 -21.57 -19.48
CA GLU D 34 16.71 -20.54 -18.55
C GLU D 34 17.44 -19.45 -19.35
N PRO D 35 17.15 -18.18 -19.05
CA PRO D 35 17.92 -17.17 -19.73
C PRO D 35 19.33 -17.16 -19.17
N SER D 36 20.28 -16.71 -19.97
CA SER D 36 21.58 -16.34 -19.47
C SER D 36 21.28 -15.26 -18.42
N ARG D 37 21.88 -15.42 -17.24
CA ARG D 37 21.66 -14.50 -16.12
C ARG D 37 22.81 -13.52 -16.00
N THR D 38 23.33 -13.06 -17.14
CA THR D 38 24.49 -12.17 -17.23
C THR D 38 24.31 -10.84 -16.45
N HIS D 39 25.25 -10.58 -15.54
CA HIS D 39 25.25 -9.37 -14.66
C HIS D 39 24.11 -9.28 -13.64
N TRP D 40 23.79 -10.42 -13.03
CA TRP D 40 22.68 -10.51 -12.09
C TRP D 40 23.17 -10.35 -10.67
N THR D 41 22.45 -9.57 -9.88
CA THR D 41 22.84 -9.30 -8.50
C THR D 41 21.75 -9.57 -7.49
N PRO D 42 22.12 -10.25 -6.41
CA PRO D 42 21.19 -10.53 -5.35
C PRO D 42 20.75 -9.26 -4.64
N ASP D 43 19.43 -9.03 -4.61
CA ASP D 43 18.80 -7.89 -3.95
C ASP D 43 17.58 -8.40 -3.16
N PRO D 44 17.76 -8.72 -1.88
CA PRO D 44 16.70 -9.14 -0.96
C PRO D 44 15.48 -8.22 -0.84
N GLY D 45 15.68 -6.91 -0.98
CA GLY D 45 14.60 -5.96 -0.79
C GLY D 45 13.92 -5.55 -2.07
N ALA D 46 14.35 -6.12 -3.19
CA ALA D 46 13.83 -5.74 -4.49
C ALA D 46 12.37 -6.20 -4.74
N PHE D 47 11.70 -5.45 -5.60
CA PHE D 47 10.39 -5.81 -6.15
C PHE D 47 9.31 -6.01 -5.11
N SER D 48 9.48 -5.33 -3.98
CA SER D 48 8.59 -5.43 -2.82
C SER D 48 7.11 -5.29 -3.19
N GLY D 49 6.82 -4.45 -4.18
CA GLY D 49 5.45 -4.24 -4.66
C GLY D 49 4.88 -5.55 -5.16
N ALA D 50 5.58 -6.11 -6.14
CA ALA D 50 5.24 -7.40 -6.74
C ALA D 50 5.28 -8.53 -5.73
N VAL D 51 6.34 -8.62 -4.94
CA VAL D 51 6.46 -9.71 -4.00
C VAL D 51 5.22 -9.84 -3.13
N ASP D 52 4.68 -8.70 -2.70
CA ASP D 52 3.45 -8.68 -1.91
C ASP D 52 2.28 -9.25 -2.69
N GLN D 53 2.16 -8.78 -3.94
CA GLN D 53 1.05 -9.16 -4.84
C GLN D 53 1.00 -10.64 -5.15
N LEU D 54 2.16 -11.26 -5.37
CA LEU D 54 2.20 -12.68 -5.63
C LEU D 54 1.68 -13.45 -4.42
N ASN D 55 2.28 -13.20 -3.26
CA ASN D 55 1.80 -13.80 -2.02
C ASN D 55 0.29 -13.75 -1.90
N ALA D 56 -0.30 -12.62 -2.30
CA ALA D 56 -1.74 -12.42 -2.25
C ALA D 56 -2.45 -13.34 -3.22
N TYR D 57 -1.94 -13.39 -4.45
CA TYR D 57 -2.46 -14.26 -5.52
C TYR D 57 -2.71 -15.69 -5.07
N PHE D 58 -1.66 -16.29 -4.49
CA PHE D 58 -1.75 -17.66 -3.99
C PHE D 58 -2.67 -17.74 -2.79
N ALA D 59 -2.68 -16.69 -1.99
CA ALA D 59 -3.53 -16.63 -0.82
C ALA D 59 -5.02 -16.44 -1.18
N GLY D 60 -5.31 -16.24 -2.46
CA GLY D 60 -6.69 -16.22 -2.93
C GLY D 60 -7.12 -14.79 -3.20
N GLU D 61 -6.54 -13.85 -2.46
CA GLU D 61 -7.08 -12.49 -2.46
C GLU D 61 -6.73 -11.64 -3.69
N LEU D 62 -5.98 -12.15 -4.67
CA LEU D 62 -5.66 -11.33 -5.82
C LEU D 62 -6.17 -11.89 -7.13
N THR D 63 -6.47 -10.98 -8.06
CA THR D 63 -6.90 -11.38 -9.41
C THR D 63 -6.29 -10.57 -10.57
N GLU D 64 -5.95 -9.30 -10.33
CA GLU D 64 -5.30 -8.47 -11.35
C GLU D 64 -4.01 -7.86 -10.81
N PHE D 65 -2.96 -7.89 -11.64
CA PHE D 65 -1.59 -7.59 -11.22
C PHE D 65 -1.18 -6.20 -11.68
N ASP D 66 -1.17 -5.24 -10.77
CA ASP D 66 -0.57 -3.96 -11.10
C ASP D 66 0.94 -4.03 -10.91
N VAL D 67 1.68 -4.17 -12.01
CA VAL D 67 3.16 -4.19 -11.99
C VAL D 67 3.76 -3.61 -13.27
N GLU D 68 4.97 -3.08 -13.16
CA GLU D 68 5.71 -2.56 -14.31
C GLU D 68 6.63 -3.61 -14.94
N LEU D 69 6.52 -3.79 -16.25
CA LEU D 69 7.19 -4.89 -16.97
C LEU D 69 8.02 -4.44 -18.18
N ASP D 70 9.18 -5.06 -18.36
CA ASP D 70 10.00 -4.86 -19.53
C ASP D 70 10.03 -6.22 -20.26
N LEU D 71 9.21 -6.31 -21.31
CA LEU D 71 9.16 -7.51 -22.12
C LEU D 71 10.05 -7.33 -23.34
N ARG D 72 11.06 -8.19 -23.47
CA ARG D 72 12.04 -8.08 -24.53
C ARG D 72 12.07 -9.36 -25.37
N GLY D 73 11.74 -9.22 -26.64
CA GLY D 73 11.57 -10.37 -27.51
C GLY D 73 10.85 -10.05 -28.81
N THR D 74 10.91 -11.00 -29.75
CA THR D 74 10.44 -10.80 -31.12
C THR D 74 9.02 -10.28 -31.21
N ASP D 75 8.78 -9.49 -32.26
CA ASP D 75 7.52 -8.78 -32.43
C ASP D 75 6.39 -9.76 -32.48
N PHE D 76 6.62 -10.92 -33.09
CA PHE D 76 5.63 -11.98 -33.01
C PHE D 76 5.47 -12.40 -31.54
N GLN D 77 6.59 -12.71 -30.87
CA GLN D 77 6.56 -13.04 -29.43
C GLN D 77 5.85 -11.97 -28.60
N GLN D 78 6.21 -10.71 -28.82
CA GLN D 78 5.58 -9.59 -28.14
C GLN D 78 4.06 -9.60 -28.32
N ARG D 79 3.63 -9.59 -29.59
CA ARG D 79 2.21 -9.48 -29.96
C ARG D 79 1.40 -10.56 -29.22
N VAL D 80 1.98 -11.76 -29.16
CA VAL D 80 1.41 -12.86 -28.39
C VAL D 80 1.28 -12.48 -26.92
N TRP D 81 2.41 -12.19 -26.29
CA TRP D 81 2.46 -11.96 -24.84
C TRP D 81 1.52 -10.83 -24.42
N LYS D 82 1.38 -9.82 -25.28
CA LYS D 82 0.46 -8.73 -25.03
C LYS D 82 -0.95 -9.26 -24.90
N ALA D 83 -1.30 -10.15 -25.83
CA ALA D 83 -2.59 -10.82 -25.85
C ALA D 83 -2.82 -11.64 -24.60
N LEU D 84 -1.78 -12.30 -24.10
CA LEU D 84 -1.93 -13.07 -22.88
C LEU D 84 -2.51 -12.27 -21.73
N LEU D 85 -2.19 -10.99 -21.64
CA LEU D 85 -2.74 -10.17 -20.55
C LEU D 85 -4.21 -9.81 -20.77
N THR D 86 -4.66 -9.89 -22.02
CA THR D 86 -6.09 -9.88 -22.33
C THR D 86 -6.82 -10.81 -21.41
N ILE D 87 -6.26 -12.02 -21.28
CA ILE D 87 -6.93 -13.15 -20.65
C ILE D 87 -7.18 -12.86 -19.18
N PRO D 88 -8.45 -12.82 -18.76
CA PRO D 88 -8.71 -12.44 -17.38
C PRO D 88 -8.38 -13.54 -16.40
N TYR D 89 -8.58 -13.20 -15.15
CA TYR D 89 -8.39 -14.16 -14.08
C TYR D 89 -9.48 -15.21 -14.18
N GLY D 90 -9.05 -16.47 -14.13
CA GLY D 90 -9.97 -17.60 -14.07
C GLY D 90 -10.43 -18.08 -15.42
N GLU D 91 -10.31 -17.25 -16.45
CA GLU D 91 -10.77 -17.65 -17.78
C GLU D 91 -9.62 -18.33 -18.45
N THR D 92 -9.90 -18.95 -19.58
CA THR D 92 -8.88 -19.64 -20.37
C THR D 92 -9.18 -19.41 -21.84
N ARG D 93 -8.12 -19.38 -22.64
CA ARG D 93 -8.26 -19.33 -24.08
C ARG D 93 -7.45 -20.47 -24.58
N SER D 94 -7.50 -20.69 -25.88
CA SER D 94 -6.72 -21.74 -26.50
C SER D 94 -5.55 -21.18 -27.27
N TYR D 95 -4.65 -22.08 -27.63
CA TYR D 95 -3.54 -21.73 -28.49
C TYR D 95 -4.11 -21.15 -29.79
N GLY D 96 -5.03 -21.89 -30.40
CA GLY D 96 -5.64 -21.50 -31.68
C GLY D 96 -6.28 -20.13 -31.63
N GLU D 97 -7.03 -19.87 -30.56
CA GLU D 97 -7.79 -18.63 -30.42
C GLU D 97 -6.94 -17.35 -30.44
N ILE D 98 -5.73 -17.43 -29.89
CA ILE D 98 -4.84 -16.27 -29.80
C ILE D 98 -4.26 -15.99 -31.19
N ALA D 99 -3.85 -17.06 -31.87
CA ALA D 99 -3.35 -16.98 -33.23
C ALA D 99 -4.35 -16.23 -34.10
N ASP D 100 -5.63 -16.36 -33.77
CA ASP D 100 -6.64 -15.51 -34.37
C ASP D 100 -6.55 -14.10 -33.80
N GLN D 101 -6.88 -13.93 -32.52
CA GLN D 101 -6.92 -12.59 -31.90
C GLN D 101 -5.87 -11.59 -32.41
N ILE D 102 -4.62 -12.06 -32.54
CA ILE D 102 -3.48 -11.23 -32.96
C ILE D 102 -3.22 -11.22 -34.47
N GLY D 103 -4.17 -11.77 -35.23
CA GLY D 103 -4.06 -11.82 -36.68
C GLY D 103 -2.82 -12.53 -37.17
N ALA D 104 -2.65 -13.78 -36.75
CA ALA D 104 -1.74 -14.70 -37.42
C ALA D 104 -2.43 -16.06 -37.58
N PRO D 105 -3.68 -16.06 -38.12
CA PRO D 105 -4.42 -17.28 -38.38
C PRO D 105 -3.56 -18.44 -38.87
N GLY D 106 -3.85 -19.64 -38.37
CA GLY D 106 -3.06 -20.82 -38.69
C GLY D 106 -1.65 -20.73 -38.14
N ALA D 107 -1.51 -20.09 -36.97
CA ALA D 107 -0.23 -20.06 -36.24
C ALA D 107 -0.40 -20.62 -34.83
N ALA D 108 -1.43 -21.45 -34.67
CA ALA D 108 -1.79 -22.07 -33.38
C ALA D 108 -0.59 -22.70 -32.70
N ARG D 109 0.31 -23.26 -33.49
CA ARG D 109 1.49 -23.93 -32.96
C ARG D 109 2.61 -22.96 -32.59
N ALA D 110 2.81 -21.96 -33.44
CA ALA D 110 3.84 -20.94 -33.23
C ALA D 110 3.77 -20.33 -31.84
N VAL D 111 2.54 -20.11 -31.38
CA VAL D 111 2.26 -19.71 -30.01
C VAL D 111 2.94 -20.69 -29.01
N GLY D 112 2.87 -21.99 -29.31
CA GLY D 112 3.55 -23.03 -28.52
C GLY D 112 4.92 -22.59 -28.06
N LEU D 113 5.77 -22.22 -29.02
CA LEU D 113 7.08 -21.65 -28.73
C LEU D 113 6.99 -20.36 -27.91
N ALA D 114 6.14 -19.44 -28.32
CA ALA D 114 6.04 -18.10 -27.70
C ALA D 114 5.69 -18.14 -26.21
N ASN D 115 4.80 -19.06 -25.86
CA ASN D 115 4.45 -19.33 -24.48
C ASN D 115 5.60 -19.81 -23.63
N GLY D 116 6.38 -20.72 -24.19
CA GLY D 116 7.50 -21.29 -23.49
C GLY D 116 8.63 -20.31 -23.31
N HIS D 117 8.74 -19.34 -24.21
CA HIS D 117 9.79 -18.36 -24.09
C HIS D 117 9.32 -17.14 -23.30
N ASN D 118 8.09 -17.20 -22.79
CA ASN D 118 7.60 -16.23 -21.82
C ASN D 118 8.67 -16.03 -20.75
N PRO D 119 9.07 -14.77 -20.50
CA PRO D 119 10.16 -14.57 -19.54
C PRO D 119 9.61 -14.21 -18.14
N ILE D 120 8.30 -14.00 -18.06
CA ILE D 120 7.65 -13.53 -16.86
C ILE D 120 6.38 -14.33 -16.61
N ALA D 121 6.56 -15.50 -15.99
CA ALA D 121 5.46 -16.40 -15.68
C ALA D 121 4.44 -15.74 -14.77
N ILE D 122 3.28 -16.38 -14.69
CA ILE D 122 2.25 -16.02 -13.75
C ILE D 122 1.57 -14.70 -14.07
N ILE D 123 2.32 -13.61 -13.99
CA ILE D 123 1.76 -12.27 -14.15
C ILE D 123 1.38 -12.11 -15.61
N VAL D 124 2.26 -12.54 -16.49
CA VAL D 124 1.90 -12.80 -17.87
C VAL D 124 1.46 -14.26 -17.90
N PRO D 125 0.16 -14.51 -18.11
CA PRO D 125 -0.35 -15.86 -17.86
C PRO D 125 -0.22 -16.89 -19.01
N CYS D 126 0.99 -17.42 -19.22
CA CYS D 126 1.21 -18.51 -20.20
C CYS D 126 0.53 -19.83 -19.77
N HIS D 127 0.05 -19.86 -18.54
CA HIS D 127 -0.69 -21.01 -18.01
C HIS D 127 -2.16 -21.02 -18.36
N ARG D 128 -2.67 -19.91 -18.89
CA ARG D 128 -4.11 -19.78 -19.18
C ARG D 128 -4.40 -20.13 -20.62
N VAL D 129 -3.38 -20.63 -21.30
CA VAL D 129 -3.49 -21.04 -22.66
C VAL D 129 -3.33 -22.55 -22.70
N ILE D 130 -4.21 -23.18 -23.47
CA ILE D 130 -4.38 -24.62 -23.48
C ILE D 130 -4.83 -25.09 -24.87
N GLY D 131 -4.94 -26.41 -25.03
CA GLY D 131 -5.37 -27.03 -26.30
C GLY D 131 -6.86 -26.86 -26.61
N ALA D 132 -7.20 -26.97 -27.89
CA ALA D 132 -8.58 -26.74 -28.35
C ALA D 132 -9.55 -27.79 -27.83
N SER D 133 -9.06 -29.01 -27.60
CA SER D 133 -9.80 -30.07 -26.90
C SER D 133 -10.00 -29.71 -25.43
N GLY D 134 -9.09 -28.92 -24.88
CA GLY D 134 -9.18 -28.47 -23.49
C GLY D 134 -8.11 -29.09 -22.62
N LYS D 135 -7.04 -29.59 -23.21
CA LYS D 135 -5.98 -30.20 -22.42
C LYS D 135 -4.73 -29.30 -22.25
N LEU D 136 -4.18 -29.35 -21.04
CA LEU D 136 -2.90 -28.75 -20.78
C LEU D 136 -1.99 -29.51 -21.69
N THR D 137 -1.29 -28.83 -22.59
CA THR D 137 -0.37 -29.53 -23.50
C THR D 137 1.08 -29.50 -23.00
N GLY D 138 1.49 -28.40 -22.37
CA GLY D 138 2.82 -28.30 -21.76
C GLY D 138 2.99 -27.05 -20.89
N TYR D 139 3.97 -27.06 -19.99
CA TYR D 139 4.29 -25.89 -19.20
C TYR D 139 5.77 -25.86 -18.91
N GLY D 140 6.34 -24.66 -18.91
CA GLY D 140 7.77 -24.51 -18.73
C GLY D 140 8.14 -25.27 -17.48
N GLY D 141 7.44 -24.95 -16.39
CA GLY D 141 7.72 -25.53 -15.08
C GLY D 141 6.82 -26.68 -14.64
N GLY D 142 6.44 -27.54 -15.56
CA GLY D 142 5.70 -28.71 -15.18
C GLY D 142 4.23 -28.56 -15.46
N ILE D 143 3.68 -29.59 -16.06
CA ILE D 143 2.31 -29.61 -16.48
C ILE D 143 1.47 -29.51 -15.21
N ASN D 144 1.80 -30.34 -14.23
CA ASN D 144 1.11 -30.30 -12.95
C ASN D 144 1.06 -28.88 -12.32
N ARG D 145 2.16 -28.13 -12.39
CA ARG D 145 2.16 -26.78 -11.85
C ARG D 145 1.14 -25.91 -12.53
N LYS D 146 1.09 -25.97 -13.87
CA LYS D 146 0.07 -25.27 -14.63
C LYS D 146 -1.31 -25.65 -14.09
N ARG D 147 -1.52 -26.95 -13.87
CA ARG D 147 -2.80 -27.45 -13.36
C ARG D 147 -3.14 -26.80 -12.04
N ALA D 148 -2.16 -26.76 -11.15
CA ALA D 148 -2.35 -26.16 -9.82
C ALA D 148 -2.70 -24.67 -9.87
N LEU D 149 -2.18 -23.99 -10.89
CA LEU D 149 -2.48 -22.58 -11.11
C LEU D 149 -3.83 -22.32 -11.74
N LEU D 150 -4.38 -23.33 -12.40
CA LEU D 150 -5.71 -23.20 -12.99
C LEU D 150 -6.77 -23.57 -11.99
N GLU D 151 -6.43 -24.53 -11.14
CA GLU D 151 -7.39 -25.02 -10.17
C GLU D 151 -7.50 -24.06 -9.00
N LEU D 152 -6.50 -23.18 -8.89
CA LEU D 152 -6.57 -22.05 -7.98
C LEU D 152 -7.64 -21.08 -8.45
N GLU D 153 -7.68 -20.86 -9.75
CA GLU D 153 -8.42 -19.74 -10.30
C GLU D 153 -9.91 -19.97 -10.47
N LYS D 154 -10.35 -21.22 -10.53
CA LYS D 154 -11.80 -21.53 -10.54
C LYS D 154 -12.31 -21.68 -9.11
N SER D 155 -11.76 -22.64 -8.38
CA SER D 155 -11.96 -22.76 -6.94
C SER D 155 -10.71 -22.23 -6.32
N ARG D 156 -10.79 -21.45 -5.24
CA ARG D 156 -9.56 -20.87 -4.68
C ARG D 156 -8.74 -21.89 -3.87
N ALA D 157 -8.45 -23.03 -4.53
CA ALA D 157 -7.89 -24.19 -3.89
C ALA D 157 -6.38 -24.13 -3.80
N PRO D 158 -5.84 -24.21 -2.57
CA PRO D 158 -4.41 -24.21 -2.34
C PRO D 158 -3.67 -25.01 -3.40
N ALA D 159 -2.81 -24.35 -4.17
CA ALA D 159 -1.89 -25.04 -5.07
C ALA D 159 -0.96 -26.01 -4.33
N ASP D 160 -0.70 -25.72 -3.06
CA ASP D 160 -0.05 -26.64 -2.13
C ASP D 160 -0.56 -28.05 -2.34
N LEU D 161 -1.84 -28.15 -2.66
CA LEU D 161 -2.52 -29.42 -2.73
C LEU D 161 -2.70 -29.90 -4.15
N THR D 162 -3.46 -29.13 -4.95
CA THR D 162 -3.78 -29.49 -6.33
C THR D 162 -2.59 -30.16 -7.00
N LEU D 163 -1.42 -29.71 -6.59
CA LEU D 163 -0.13 -30.08 -7.15
C LEU D 163 0.29 -31.55 -7.05
N PHE D 164 -0.36 -32.31 -6.17
CA PHE D 164 -0.02 -33.72 -5.97
C PHE D 164 -1.26 -34.54 -6.27
N ASP D 165 -1.64 -34.58 -7.54
CA ASP D 165 -2.85 -35.28 -7.97
C ASP D 165 -2.57 -36.15 -9.20
N VAL E 2 4.86 14.81 20.98
CA VAL E 2 3.90 13.88 21.67
C VAL E 2 2.82 14.52 22.56
N HIS E 3 1.58 14.30 22.13
CA HIS E 3 0.42 14.66 22.90
C HIS E 3 0.00 13.50 23.74
N TYR E 4 -0.75 13.81 24.79
CA TYR E 4 -1.53 12.79 25.48
C TYR E 4 -2.83 13.37 26.00
N ARG E 5 -3.77 12.45 26.20
CA ARG E 5 -5.10 12.76 26.68
C ARG E 5 -5.45 11.64 27.59
N THR E 6 -6.00 11.95 28.76
CA THR E 6 -6.41 10.91 29.66
C THR E 6 -7.92 10.94 29.81
N ILE E 7 -8.55 9.77 29.63
CA ILE E 7 -10.00 9.73 29.70
C ILE E 7 -10.47 8.73 30.71
N ASP E 8 -11.75 8.83 31.05
CA ASP E 8 -12.32 7.91 32.01
C ASP E 8 -12.76 6.65 31.33
N SER E 9 -12.75 5.57 32.08
CA SER E 9 -13.28 4.33 31.58
C SER E 9 -13.80 3.54 32.74
N PRO E 10 -14.50 2.42 32.43
CA PRO E 10 -14.98 1.46 33.44
C PRO E 10 -13.89 0.67 34.14
N ILE E 11 -12.67 0.74 33.66
CA ILE E 11 -11.59 0.00 34.28
C ILE E 11 -10.57 0.96 34.80
N GLY E 12 -11.00 2.20 34.96
CA GLY E 12 -10.14 3.25 35.45
C GLY E 12 -9.54 4.00 34.29
N PRO E 13 -9.10 5.24 34.55
CA PRO E 13 -8.72 6.17 33.51
C PRO E 13 -7.57 5.66 32.66
N LEU E 14 -7.73 5.90 31.37
CA LEU E 14 -6.79 5.50 30.35
C LEU E 14 -6.17 6.74 29.76
N THR E 15 -4.94 6.58 29.32
CA THR E 15 -4.15 7.65 28.78
C THR E 15 -3.64 7.29 27.39
N LEU E 16 -4.04 8.10 26.41
CA LEU E 16 -3.65 7.90 25.03
C LEU E 16 -2.57 8.89 24.67
N ALA E 17 -1.49 8.43 24.07
CA ALA E 17 -0.50 9.36 23.55
C ALA E 17 -0.06 9.00 22.14
N GLY E 18 0.37 10.04 21.43
CA GLY E 18 0.82 9.91 20.05
C GLY E 18 0.95 11.22 19.31
N HIS E 19 1.47 11.12 18.09
CA HIS E 19 1.72 12.29 17.25
C HIS E 19 0.60 12.67 16.31
N GLY E 20 -0.07 13.77 16.63
CA GLY E 20 -1.12 14.33 15.79
C GLY E 20 -2.41 13.58 15.86
N SER E 21 -2.43 12.42 15.21
CA SER E 21 -3.63 11.62 15.13
C SER E 21 -3.26 10.15 15.10
N VAL E 22 -1.99 9.84 15.28
CA VAL E 22 -1.54 8.45 15.25
C VAL E 22 -1.10 8.07 16.64
N LEU E 23 -1.55 6.90 17.06
CA LEU E 23 -1.43 6.46 18.41
C LEU E 23 -0.15 5.68 18.64
N THR E 24 0.62 6.13 19.61
CA THR E 24 1.86 5.47 19.96
C THR E 24 1.76 4.68 21.25
N ASN E 25 1.03 5.22 22.23
CA ASN E 25 0.70 4.46 23.44
C ASN E 25 -0.74 4.60 23.83
N LEU E 26 -1.16 3.65 24.66
CA LEU E 26 -2.42 3.70 25.37
C LEU E 26 -2.19 2.82 26.58
N ARG E 27 -2.35 3.40 27.79
CA ARG E 27 -2.07 2.65 29.03
C ARG E 27 -3.00 2.99 30.18
N MET E 28 -3.01 2.11 31.18
CA MET E 28 -3.91 2.19 32.31
C MET E 28 -3.14 2.61 33.56
N LEU E 29 -3.87 2.67 34.67
CA LEU E 29 -3.22 2.96 35.94
C LEU E 29 -2.47 1.77 36.51
N GLU E 30 -1.33 2.10 37.12
CA GLU E 30 -0.50 1.13 37.83
C GLU E 30 -0.23 -0.05 36.95
N GLN E 31 -0.09 0.25 35.67
CA GLN E 31 0.16 -0.76 34.70
C GLN E 31 1.61 -1.11 34.78
N THR E 32 1.92 -2.41 34.62
CA THR E 32 3.31 -2.88 34.67
C THR E 32 4.09 -2.37 33.45
N TYR E 33 5.36 -2.00 33.69
CA TYR E 33 6.20 -1.34 32.68
C TYR E 33 5.73 0.04 32.26
N GLU E 34 5.93 1.00 33.16
CA GLU E 34 5.79 2.41 32.83
C GLU E 34 6.81 2.78 31.76
N PRO E 35 6.39 3.53 30.73
CA PRO E 35 7.33 4.17 29.82
C PRO E 35 7.56 5.61 30.28
N SER E 36 8.73 6.14 29.97
CA SER E 36 9.03 7.53 30.29
C SER E 36 8.18 8.46 29.43
N ARG E 37 7.63 9.49 30.03
CA ARG E 37 6.71 10.38 29.36
C ARG E 37 7.44 11.60 28.87
N THR E 38 8.53 11.36 28.16
CA THR E 38 9.44 12.43 27.76
C THR E 38 8.93 13.22 26.57
N HIS E 39 8.80 14.51 26.84
CA HIS E 39 8.29 15.49 25.92
C HIS E 39 6.81 15.28 25.69
N TRP E 40 6.14 14.71 26.67
CA TRP E 40 4.70 14.56 26.56
C TRP E 40 4.10 15.87 26.95
N THR E 41 3.11 16.30 26.19
CA THR E 41 2.39 17.51 26.52
C THR E 41 0.91 17.23 26.39
N PRO E 42 0.12 17.82 27.27
CA PRO E 42 -1.27 17.39 27.33
C PRO E 42 -2.12 18.08 26.28
N ASP E 43 -3.02 17.31 25.67
CA ASP E 43 -3.90 17.84 24.65
C ASP E 43 -5.25 17.20 24.88
N PRO E 44 -6.14 17.92 25.56
CA PRO E 44 -7.47 17.36 25.90
C PRO E 44 -8.47 17.22 24.74
N GLY E 45 -8.18 17.80 23.57
CA GLY E 45 -8.96 17.58 22.35
C GLY E 45 -8.41 16.45 21.48
N ALA E 46 -7.31 15.85 21.92
CA ALA E 46 -6.61 14.83 21.15
C ALA E 46 -7.38 13.54 20.90
N PHE E 47 -7.02 12.87 19.82
CA PHE E 47 -7.50 11.52 19.48
C PHE E 47 -8.99 11.26 19.59
N SER E 48 -9.83 12.24 19.27
CA SER E 48 -11.26 12.07 19.53
C SER E 48 -11.87 10.94 18.71
N GLY E 49 -11.22 10.58 17.62
CA GLY E 49 -11.60 9.37 16.91
C GLY E 49 -11.48 8.20 17.86
N ALA E 50 -10.26 7.94 18.29
CA ALA E 50 -10.01 6.79 19.14
C ALA E 50 -10.86 6.82 20.40
N VAL E 51 -11.14 8.00 20.90
CA VAL E 51 -11.86 8.08 22.14
C VAL E 51 -13.26 7.52 21.93
N ASP E 52 -14.01 8.16 21.02
CA ASP E 52 -15.41 7.83 20.83
C ASP E 52 -15.62 6.37 20.50
N GLN E 53 -14.59 5.73 19.96
CA GLN E 53 -14.53 4.28 19.78
C GLN E 53 -14.40 3.49 21.10
N LEU E 54 -13.52 3.94 21.98
CA LEU E 54 -13.36 3.26 23.25
C LEU E 54 -14.62 3.28 24.10
N ASN E 55 -15.35 4.39 24.06
CA ASN E 55 -16.56 4.46 24.86
C ASN E 55 -17.54 3.45 24.33
N ALA E 56 -17.60 3.39 23.01
CA ALA E 56 -18.38 2.41 22.32
C ALA E 56 -17.86 1.00 22.53
N TYR E 57 -16.57 0.82 22.72
CA TYR E 57 -16.07 -0.52 22.98
C TYR E 57 -16.49 -1.00 24.34
N PHE E 58 -16.53 -0.08 25.31
CA PHE E 58 -16.93 -0.43 26.67
C PHE E 58 -18.44 -0.53 26.86
N ALA E 59 -19.20 0.10 25.96
CA ALA E 59 -20.64 -0.08 25.90
C ALA E 59 -21.04 -1.40 25.22
N GLY E 60 -20.05 -2.14 24.71
CA GLY E 60 -20.27 -3.43 24.07
C GLY E 60 -20.75 -3.34 22.62
N GLU E 61 -20.64 -2.15 22.03
CA GLU E 61 -21.18 -1.92 20.70
C GLU E 61 -20.10 -2.06 19.64
N LEU E 62 -18.98 -1.39 19.85
CA LEU E 62 -17.85 -1.45 18.93
C LEU E 62 -17.14 -2.75 19.12
N THR E 63 -16.68 -3.31 18.03
CA THR E 63 -16.07 -4.64 18.02
C THR E 63 -14.74 -4.71 17.28
N GLU E 64 -14.50 -3.74 16.39
CA GLU E 64 -13.25 -3.65 15.63
C GLU E 64 -12.82 -2.19 15.55
N PHE E 65 -11.57 -1.89 15.94
CA PHE E 65 -11.14 -0.49 16.01
C PHE E 65 -10.56 0.04 14.74
N ASP E 66 -11.08 1.16 14.25
CA ASP E 66 -10.51 1.82 13.07
C ASP E 66 -9.46 2.85 13.49
N VAL E 67 -8.21 2.43 13.67
CA VAL E 67 -7.22 3.36 14.25
C VAL E 67 -5.77 3.20 13.73
N GLU E 68 -5.13 4.34 13.46
CA GLU E 68 -3.75 4.36 12.97
C GLU E 68 -2.80 4.21 14.15
N LEU E 69 -1.93 3.20 14.10
CA LEU E 69 -0.97 2.93 15.16
C LEU E 69 0.46 3.16 14.68
N ASP E 70 1.35 3.58 15.57
CA ASP E 70 2.79 3.46 15.33
C ASP E 70 3.39 2.65 16.45
N LEU E 71 3.64 1.37 16.19
CA LEU E 71 4.25 0.51 17.19
C LEU E 71 5.75 0.56 17.13
N ARG E 72 6.40 0.46 18.29
CA ARG E 72 7.86 0.49 18.37
C ARG E 72 8.36 -0.57 19.33
N GLY E 73 9.26 -1.41 18.86
CA GLY E 73 9.87 -2.45 19.70
C GLY E 73 10.78 -3.33 18.88
N THR E 74 11.08 -4.51 19.41
CA THR E 74 11.96 -5.46 18.74
C THR E 74 11.43 -5.92 17.39
N ASP E 75 12.34 -6.43 16.59
CA ASP E 75 12.01 -7.24 15.44
C ASP E 75 10.89 -8.24 15.86
N PHE E 76 11.08 -8.97 16.94
CA PHE E 76 10.13 -9.94 17.52
C PHE E 76 8.84 -9.36 18.09
N GLN E 77 8.97 -8.33 18.91
CA GLN E 77 7.86 -7.70 19.56
C GLN E 77 6.84 -7.26 18.53
N GLN E 78 7.33 -6.73 17.40
CA GLN E 78 6.44 -6.30 16.34
C GLN E 78 5.78 -7.50 15.71
N ARG E 79 6.47 -8.63 15.62
CA ARG E 79 5.88 -9.84 15.07
C ARG E 79 4.70 -10.28 15.94
N VAL E 80 4.89 -10.21 17.25
CA VAL E 80 3.88 -10.67 18.18
C VAL E 80 2.66 -9.75 18.17
N TRP E 81 2.93 -8.47 18.33
CA TRP E 81 1.88 -7.47 18.34
C TRP E 81 1.07 -7.51 17.06
N LYS E 82 1.75 -7.72 15.94
CA LYS E 82 1.05 -7.88 14.67
C LYS E 82 0.17 -9.13 14.77
N ALA E 83 0.71 -10.18 15.36
CA ALA E 83 -0.07 -11.39 15.54
C ALA E 83 -1.29 -11.15 16.42
N LEU E 84 -1.26 -10.12 17.26
CA LEU E 84 -2.38 -9.90 18.15
C LEU E 84 -3.56 -9.29 17.43
N LEU E 85 -3.32 -8.35 16.54
CA LEU E 85 -4.42 -7.75 15.78
C LEU E 85 -5.10 -8.79 14.91
N THR E 86 -4.50 -9.98 14.79
CA THR E 86 -5.20 -11.12 14.23
C THR E 86 -6.39 -11.49 15.07
N ILE E 87 -6.23 -11.49 16.39
CA ILE E 87 -7.22 -12.17 17.23
C ILE E 87 -8.56 -11.44 17.26
N PRO E 88 -9.61 -12.14 16.84
CA PRO E 88 -10.85 -11.39 16.74
C PRO E 88 -11.49 -11.20 18.09
N TYR E 89 -12.23 -10.10 18.19
CA TYR E 89 -13.10 -9.81 19.30
C TYR E 89 -13.83 -11.05 19.77
N GLY E 90 -13.57 -11.46 20.99
CA GLY E 90 -14.33 -12.51 21.60
C GLY E 90 -13.68 -13.86 21.46
N GLU E 91 -12.56 -13.94 20.78
CA GLU E 91 -11.83 -15.19 20.77
C GLU E 91 -10.54 -15.02 21.52
N THR E 92 -9.91 -16.14 21.83
CA THR E 92 -8.59 -16.13 22.43
C THR E 92 -7.60 -17.02 21.71
N ARG E 93 -6.33 -16.87 22.07
CA ARG E 93 -5.29 -17.76 21.64
C ARG E 93 -4.32 -18.00 22.78
N SER E 94 -3.82 -19.22 22.85
CA SER E 94 -2.80 -19.59 23.79
C SER E 94 -1.55 -18.76 23.53
N TYR E 95 -0.66 -18.70 24.51
CA TYR E 95 0.61 -17.98 24.35
C TYR E 95 1.38 -18.62 23.20
N GLY E 96 1.68 -19.91 23.35
CA GLY E 96 2.41 -20.66 22.32
C GLY E 96 1.71 -20.72 20.97
N GLU E 97 0.39 -20.66 20.98
CA GLU E 97 -0.38 -20.68 19.73
C GLU E 97 0.07 -19.53 18.86
N ILE E 98 0.17 -18.36 19.46
CA ILE E 98 0.73 -17.18 18.81
C ILE E 98 2.17 -17.43 18.35
N ALA E 99 2.96 -18.01 19.24
CA ALA E 99 4.32 -18.36 18.91
C ALA E 99 4.38 -19.11 17.59
N ASP E 100 3.55 -20.14 17.44
CA ASP E 100 3.51 -20.91 16.21
C ASP E 100 3.15 -20.00 15.04
N GLN E 101 2.14 -19.17 15.22
CA GLN E 101 1.59 -18.35 14.14
C GLN E 101 2.57 -17.29 13.59
N ILE E 102 3.58 -16.90 14.36
CA ILE E 102 4.72 -16.12 13.83
C ILE E 102 5.93 -17.04 13.72
N GLY E 103 5.67 -18.28 13.35
CA GLY E 103 6.72 -19.23 13.04
C GLY E 103 7.89 -19.30 14.02
N ALA E 104 7.61 -19.32 15.31
CA ALA E 104 8.68 -19.49 16.29
C ALA E 104 8.25 -20.41 17.42
N PRO E 105 8.03 -21.70 17.11
CA PRO E 105 7.58 -22.62 18.17
C PRO E 105 8.56 -22.68 19.33
N GLY E 106 8.06 -23.01 20.52
CA GLY E 106 8.89 -23.07 21.72
C GLY E 106 9.00 -21.76 22.48
N ALA E 107 8.64 -20.65 21.81
CA ALA E 107 8.85 -19.30 22.34
C ALA E 107 7.66 -18.78 23.14
N ALA E 108 6.94 -19.68 23.81
CA ALA E 108 5.74 -19.30 24.54
C ALA E 108 6.11 -18.28 25.61
N ARG E 109 6.94 -18.74 26.54
CA ARG E 109 7.39 -17.91 27.61
C ARG E 109 7.96 -16.60 27.09
N ALA E 110 8.51 -16.61 25.87
CA ALA E 110 9.00 -15.40 25.21
C ALA E 110 7.88 -14.43 24.81
N VAL E 111 6.81 -14.96 24.24
CA VAL E 111 5.64 -14.13 23.93
C VAL E 111 5.06 -13.54 25.22
N GLY E 112 5.26 -14.24 26.33
CA GLY E 112 4.97 -13.69 27.64
C GLY E 112 5.42 -12.25 27.76
N LEU E 113 6.72 -12.02 27.58
CA LEU E 113 7.28 -10.69 27.78
C LEU E 113 6.72 -9.72 26.77
N ALA E 114 6.68 -10.13 25.51
CA ALA E 114 6.25 -9.23 24.44
C ALA E 114 4.88 -8.59 24.72
N ASN E 115 3.98 -9.34 25.37
CA ASN E 115 2.70 -8.80 25.77
C ASN E 115 2.94 -7.79 26.85
N GLY E 116 3.60 -8.22 27.92
CA GLY E 116 4.04 -7.29 28.93
C GLY E 116 4.35 -5.92 28.35
N HIS E 117 5.13 -5.89 27.26
CA HIS E 117 5.56 -4.64 26.68
C HIS E 117 4.70 -4.02 25.58
N ASN E 118 3.50 -4.54 25.35
CA ASN E 118 2.60 -3.91 24.41
C ASN E 118 2.35 -2.46 24.83
N PRO E 119 2.68 -1.48 23.97
CA PRO E 119 2.41 -0.07 24.32
C PRO E 119 0.93 0.35 24.28
N ILE E 120 0.13 -0.32 23.44
CA ILE E 120 -1.28 0.01 23.26
C ILE E 120 -2.15 -1.14 23.68
N ALA E 121 -2.91 -0.91 24.74
CA ALA E 121 -3.29 -1.98 25.64
C ALA E 121 -4.53 -2.67 25.21
N ILE E 122 -5.48 -1.91 24.69
CA ILE E 122 -6.73 -2.57 24.35
C ILE E 122 -6.78 -2.79 22.88
N ILE E 123 -6.56 -1.72 22.15
CA ILE E 123 -6.70 -1.75 20.70
C ILE E 123 -5.84 -2.84 20.11
N VAL E 124 -4.62 -2.95 20.62
CA VAL E 124 -3.84 -4.16 20.46
C VAL E 124 -4.12 -5.05 21.69
N PRO E 125 -4.83 -6.15 21.48
CA PRO E 125 -5.38 -6.95 22.58
C PRO E 125 -4.42 -7.93 23.23
N CYS E 126 -3.45 -7.47 24.02
CA CYS E 126 -2.67 -8.42 24.81
C CYS E 126 -3.64 -9.20 25.68
N HIS E 127 -4.78 -8.59 26.01
CA HIS E 127 -5.79 -9.23 26.86
C HIS E 127 -6.45 -10.50 26.33
N ARG E 128 -6.47 -10.71 25.01
CA ARG E 128 -7.03 -11.95 24.45
C ARG E 128 -6.06 -13.13 24.40
N VAL E 129 -4.95 -13.06 25.12
CA VAL E 129 -3.96 -14.14 25.10
C VAL E 129 -3.82 -14.80 26.46
N ILE E 130 -3.90 -16.13 26.44
CA ILE E 130 -4.13 -16.87 27.64
C ILE E 130 -3.24 -18.09 27.66
N GLY E 131 -3.05 -18.65 28.85
CA GLY E 131 -2.42 -19.95 29.01
C GLY E 131 -3.31 -21.09 28.52
N ALA E 132 -2.71 -21.97 27.75
CA ALA E 132 -3.41 -23.16 27.24
C ALA E 132 -4.20 -23.97 28.28
N SER E 133 -3.70 -24.00 29.52
CA SER E 133 -4.44 -24.56 30.65
C SER E 133 -5.89 -24.05 30.71
N GLY E 134 -6.18 -22.99 29.96
CA GLY E 134 -7.40 -22.22 30.14
C GLY E 134 -7.30 -21.06 31.09
N LYS E 135 -6.49 -21.22 32.14
CA LYS E 135 -6.22 -20.16 33.10
C LYS E 135 -5.49 -18.99 32.43
N LEU E 136 -5.85 -17.78 32.84
CA LEU E 136 -5.30 -16.53 32.27
C LEU E 136 -4.14 -16.04 33.09
N THR E 137 -3.02 -15.80 32.45
CA THR E 137 -1.77 -15.90 33.16
C THR E 137 -1.35 -14.63 33.90
N GLY E 138 -1.55 -13.46 33.29
CA GLY E 138 -1.09 -12.20 33.91
C GLY E 138 -1.54 -10.99 33.12
N TYR E 139 -1.61 -9.82 33.75
CA TYR E 139 -1.99 -8.60 33.01
C TYR E 139 -1.46 -7.29 33.57
N GLY E 140 -1.10 -6.39 32.64
CA GLY E 140 -0.54 -5.08 32.98
C GLY E 140 -1.18 -4.39 34.16
N GLY E 141 -2.50 -4.27 34.13
CA GLY E 141 -3.25 -3.64 35.21
C GLY E 141 -4.05 -4.62 36.06
N GLY E 142 -3.49 -5.82 36.27
CA GLY E 142 -4.10 -6.83 37.13
C GLY E 142 -5.06 -7.72 36.37
N ILE E 143 -5.31 -8.90 36.90
CA ILE E 143 -6.21 -9.82 36.22
C ILE E 143 -7.63 -9.29 36.30
N ASN E 144 -8.01 -8.75 37.44
CA ASN E 144 -9.29 -8.09 37.52
C ASN E 144 -9.71 -7.47 36.22
N ARG E 145 -8.79 -6.72 35.65
CA ARG E 145 -9.05 -5.89 34.51
C ARG E 145 -9.04 -6.76 33.29
N LYS E 146 -8.11 -7.71 33.27
CA LYS E 146 -8.06 -8.68 32.20
C LYS E 146 -9.39 -9.41 32.14
N ARG E 147 -9.75 -10.02 33.25
CA ARG E 147 -10.99 -10.76 33.30
C ARG E 147 -12.09 -9.89 32.72
N ALA E 148 -12.21 -8.68 33.22
CA ALA E 148 -13.35 -7.86 32.85
C ALA E 148 -13.49 -7.69 31.36
N LEU E 149 -12.39 -7.35 30.71
CA LEU E 149 -12.43 -7.14 29.27
C LEU E 149 -12.92 -8.40 28.57
N LEU E 150 -12.31 -9.53 28.89
CA LEU E 150 -12.67 -10.78 28.25
C LEU E 150 -14.15 -11.09 28.42
N GLU E 151 -14.72 -10.75 29.57
CA GLU E 151 -16.15 -10.96 29.82
C GLU E 151 -17.00 -9.94 29.06
N LEU E 152 -16.47 -8.75 28.90
CA LEU E 152 -17.16 -7.74 28.10
C LEU E 152 -17.42 -8.25 26.68
N GLU E 153 -16.44 -8.92 26.10
CA GLU E 153 -16.52 -9.33 24.69
C GLU E 153 -17.45 -10.52 24.58
N LYS E 154 -17.41 -11.34 25.63
CA LYS E 154 -18.24 -12.52 25.72
C LYS E 154 -19.74 -12.19 25.85
N SER E 155 -20.07 -11.03 26.38
CA SER E 155 -21.46 -10.69 26.63
C SER E 155 -21.98 -9.59 25.71
N ARG E 156 -21.09 -8.96 24.94
CA ARG E 156 -21.42 -7.70 24.28
C ARG E 156 -22.21 -6.82 25.25
N ALA E 157 -21.69 -6.71 26.48
CA ALA E 157 -22.41 -6.08 27.57
C ALA E 157 -21.45 -5.63 28.67
N PRO E 158 -21.57 -4.36 29.09
CA PRO E 158 -20.71 -3.84 30.15
C PRO E 158 -20.50 -4.83 31.30
N ALA E 159 -19.23 -5.07 31.60
CA ALA E 159 -18.79 -6.07 32.54
C ALA E 159 -18.02 -5.38 33.65
N ASP E 160 -18.43 -4.16 33.96
CA ASP E 160 -17.77 -3.32 34.98
C ASP E 160 -17.92 -3.78 36.44
N LEU E 161 -18.60 -4.91 36.65
CA LEU E 161 -18.65 -5.54 37.96
C LEU E 161 -17.65 -6.67 38.07
N THR E 162 -17.24 -7.17 36.91
CA THR E 162 -16.31 -8.27 36.82
C THR E 162 -15.01 -7.90 37.52
N LEU E 163 -14.74 -6.60 37.57
CA LEU E 163 -13.58 -6.13 38.30
C LEU E 163 -13.59 -6.63 39.73
N PHE E 164 -14.78 -6.86 40.27
CA PHE E 164 -14.89 -7.20 41.67
C PHE E 164 -15.20 -8.66 41.92
N ASP E 165 -15.79 -9.37 40.97
CA ASP E 165 -15.86 -10.84 41.06
C ASP E 165 -14.98 -11.41 42.19
C1 GOL F . 4.22 11.99 -0.99
O1 GOL F . 3.23 11.17 -0.32
C2 GOL F . 4.37 13.39 -0.36
O2 GOL F . 5.41 13.45 0.65
C3 GOL F . 4.67 14.48 -1.40
O3 GOL F . 5.25 13.97 -2.60
#